data_9DRH
#
_entry.id   9DRH
#
_cell.length_a   132.730
_cell.length_b   132.730
_cell.length_c   57.780
_cell.angle_alpha   90.000
_cell.angle_beta   90.000
_cell.angle_gamma   90.000
#
_symmetry.space_group_name_H-M   'P 41 21 2'
#
loop_
_entity.id
_entity.type
_entity.pdbx_description
1 polymer Tet(X7)
2 non-polymer '(6aS,7S,10aS)-9-carbamoyl-7-(dimethylamino)-8,10a,12-trihydroxy-5-methyl-10,11-dioxo-6,6a,7,10,10a,11-hexahydrotetracen-1-yl pyrimidine-2-carboxylate'
3 non-polymer 'FLAVIN-ADENINE DINUCLEOTIDE'
#
_entity_poly.entity_id   1
_entity_poly.type   'polypeptide(L)'
_entity_poly.pdbx_seq_one_letter_code
;MGSSHHHHHHSSGLVPRGSHMTLLKNKKITIIGAGPVGLTMARLLQQNRVDVTVYERDKDRDARIFGGTLDLHRDSGQEA
MKRAGLLQTYYDLALPMGVNIADEKGNILTTKNVKPENRFDNPEINRNDLRTILLNSLQNDTVIWDRKLVTLEPDKEKWT
LTFEDKPSETADLVIIANGGMSKVRKFVTDTEVEETGTFNIQADIHQPEVNCPGFFQLCNGNRLMAAHQGNLLFANPNNN
GALHFGISFKTSDEWKSKTLVDFQDRNSVVDFLLKKFSDWDERYKELIRVTSSFVGLATRIFPLGKSWKSKRPLPITMIG
DAAHLMPPFAGQGVNSGLMDALILSDNLTNGKFNSIEEAIENYEQQMFAYGREAQAESIINETEMFSSDFSFQKLMNL
;
_entity_poly.pdbx_strand_id   A
#
# COMPACT_ATOMS: atom_id res chain seq x y z
N THR A 22 27.94 12.69 -3.96
CA THR A 22 28.68 13.15 -5.13
C THR A 22 27.87 12.96 -6.40
N LEU A 23 27.39 11.74 -6.61
CA LEU A 23 26.63 11.43 -7.82
C LEU A 23 25.45 12.38 -7.99
N LEU A 24 24.82 12.79 -6.89
CA LEU A 24 23.65 13.64 -6.93
C LEU A 24 23.94 15.07 -6.48
N LYS A 25 25.19 15.51 -6.57
CA LYS A 25 25.54 16.83 -6.06
C LYS A 25 24.78 17.92 -6.81
N ASN A 26 24.16 18.82 -6.05
CA ASN A 26 23.44 19.97 -6.61
C ASN A 26 22.36 19.53 -7.60
N LYS A 27 21.84 18.32 -7.44
CA LYS A 27 20.76 17.82 -8.27
C LYS A 27 19.47 17.82 -7.44
N LYS A 28 18.47 18.56 -7.91
CA LYS A 28 17.20 18.67 -7.22
C LYS A 28 16.32 17.49 -7.58
N ILE A 29 16.12 16.58 -6.63
CA ILE A 29 15.34 15.37 -6.84
C ILE A 29 13.91 15.63 -6.36
N THR A 30 12.94 15.16 -7.14
CA THR A 30 11.53 15.30 -6.80
C THR A 30 10.87 13.92 -6.80
N ILE A 31 10.22 13.58 -5.68
CA ILE A 31 9.47 12.34 -5.56
C ILE A 31 7.99 12.68 -5.70
N ILE A 32 7.29 11.94 -6.56
CA ILE A 32 5.87 12.18 -6.82
C ILE A 32 5.08 11.19 -5.97
N GLY A 33 4.47 11.69 -4.90
CA GLY A 33 3.64 10.87 -4.04
C GLY A 33 4.20 10.71 -2.64
N ALA A 34 3.47 11.17 -1.63
CA ALA A 34 3.87 11.07 -0.24
C ALA A 34 3.26 9.85 0.44
N GLY A 35 3.05 8.75 -0.30
CA GLY A 35 2.65 7.52 0.31
C GLY A 35 3.77 6.94 1.14
N PRO A 36 3.50 5.78 1.77
CA PRO A 36 4.54 5.16 2.60
C PRO A 36 5.83 4.91 1.84
N VAL A 37 5.74 4.53 0.55
CA VAL A 37 6.94 4.27 -0.22
C VAL A 37 7.68 5.58 -0.51
N GLY A 38 6.98 6.54 -1.10
CA GLY A 38 7.61 7.80 -1.45
C GLY A 38 8.24 8.49 -0.26
N LEU A 39 7.52 8.52 0.87
CA LEU A 39 8.05 9.15 2.07
C LEU A 39 9.33 8.46 2.53
N THR A 40 9.30 7.12 2.59
CA THR A 40 10.50 6.38 2.97
C THR A 40 11.66 6.71 2.04
N MET A 41 11.40 6.75 0.72
CA MET A 41 12.42 7.18 -0.22
C MET A 41 12.93 8.57 0.13
N ALA A 42 12.01 9.49 0.44
CA ALA A 42 12.41 10.86 0.77
C ALA A 42 13.33 10.88 1.98
N ARG A 43 13.03 10.09 3.01
CA ARG A 43 13.85 10.07 4.21
C ARG A 43 15.23 9.49 3.92
N LEU A 44 15.29 8.35 3.23
CA LEU A 44 16.58 7.74 2.93
C LEU A 44 17.47 8.69 2.14
N LEU A 45 16.88 9.48 1.23
CA LEU A 45 17.66 10.46 0.49
C LEU A 45 18.04 11.64 1.39
N GLN A 46 17.05 12.21 2.08
CA GLN A 46 17.31 13.42 2.86
C GLN A 46 18.34 13.15 3.96
N GLN A 47 18.28 11.98 4.60
CA GLN A 47 19.26 11.65 5.62
C GLN A 47 20.65 11.39 5.04
N ASN A 48 20.78 11.34 3.70
CA ASN A 48 22.07 11.25 3.04
C ASN A 48 22.50 12.58 2.44
N ARG A 49 21.97 13.70 2.97
CA ARG A 49 22.34 15.04 2.53
C ARG A 49 21.87 15.35 1.12
N VAL A 50 20.76 14.75 0.70
CA VAL A 50 20.24 14.90 -0.66
C VAL A 50 19.13 15.93 -0.66
N ASP A 51 19.11 16.78 -1.68
CA ASP A 51 18.01 17.71 -1.90
C ASP A 51 16.86 16.94 -2.55
N VAL A 52 15.79 16.73 -1.79
CA VAL A 52 14.66 15.93 -2.24
C VAL A 52 13.38 16.69 -1.94
N THR A 53 12.43 16.65 -2.87
CA THR A 53 11.12 17.25 -2.71
C THR A 53 10.05 16.20 -2.98
N VAL A 54 8.99 16.22 -2.17
CA VAL A 54 7.86 15.32 -2.32
C VAL A 54 6.63 16.13 -2.68
N TYR A 55 5.91 15.71 -3.72
CA TYR A 55 4.68 16.35 -4.15
C TYR A 55 3.51 15.42 -3.87
N GLU A 56 2.55 15.90 -3.08
CA GLU A 56 1.42 15.09 -2.63
C GLU A 56 0.12 15.84 -2.91
N ARG A 57 -0.87 15.13 -3.44
CA ARG A 57 -2.12 15.79 -3.82
C ARG A 57 -3.01 16.07 -2.62
N ASP A 58 -2.91 15.26 -1.56
CA ASP A 58 -3.70 15.52 -0.36
C ASP A 58 -3.47 16.95 0.11
N LYS A 59 -4.57 17.61 0.51
CA LYS A 59 -4.52 19.04 0.71
C LYS A 59 -3.65 19.41 1.91
N ASP A 60 -3.71 18.62 2.99
CA ASP A 60 -2.87 18.88 4.15
C ASP A 60 -2.51 17.57 4.82
N ARG A 61 -1.52 17.63 5.72
CA ARG A 61 -1.04 16.44 6.39
C ARG A 61 -2.10 15.82 7.30
N ASP A 62 -3.12 16.58 7.69
CA ASP A 62 -4.18 16.05 8.51
C ASP A 62 -5.15 15.16 7.74
N ALA A 63 -4.99 15.04 6.42
CA ALA A 63 -5.84 14.18 5.64
C ALA A 63 -5.72 12.74 6.12
N ARG A 64 -6.85 12.13 6.48
CA ARG A 64 -6.85 10.76 6.97
C ARG A 64 -6.66 9.78 5.80
N ILE A 65 -5.87 8.75 6.05
CA ILE A 65 -5.62 7.70 5.07
C ILE A 65 -6.56 6.54 5.36
N PHE A 66 -7.48 6.27 4.45
CA PHE A 66 -8.39 5.15 4.61
C PHE A 66 -7.68 3.85 4.28
N GLY A 67 -8.08 2.79 4.98
CA GLY A 67 -7.55 1.46 4.75
C GLY A 67 -7.18 0.79 6.05
N GLY A 68 -6.82 -0.49 5.92
CA GLY A 68 -6.40 -1.30 7.05
C GLY A 68 -5.01 -0.96 7.50
N THR A 69 -4.49 -1.82 8.36
CA THR A 69 -3.14 -1.66 8.89
C THR A 69 -2.12 -2.32 7.96
N LEU A 70 -0.86 -1.94 8.14
CA LEU A 70 0.23 -2.41 7.30
C LEU A 70 1.25 -3.14 8.15
N ASP A 71 1.68 -4.32 7.69
CA ASP A 71 2.65 -5.16 8.37
C ASP A 71 3.98 -5.09 7.64
N LEU A 72 5.07 -4.89 8.39
CA LEU A 72 6.41 -4.78 7.83
C LEU A 72 7.13 -6.11 8.00
N HIS A 73 7.59 -6.67 6.88
CA HIS A 73 8.38 -7.90 6.90
C HIS A 73 9.80 -7.60 7.36
N ARG A 74 10.41 -8.58 8.01
CA ARG A 74 11.68 -8.35 8.69
C ARG A 74 12.82 -8.12 7.70
N ASP A 75 12.84 -8.85 6.59
CA ASP A 75 13.92 -8.74 5.63
C ASP A 75 13.75 -7.58 4.65
N SER A 76 12.62 -6.85 4.72
CA SER A 76 12.36 -5.78 3.78
C SER A 76 11.90 -4.51 4.50
N GLY A 77 10.62 -4.47 4.88
CA GLY A 77 10.09 -3.27 5.50
C GLY A 77 10.88 -2.82 6.71
N GLN A 78 11.12 -3.75 7.66
CA GLN A 78 11.87 -3.39 8.85
C GLN A 78 13.28 -2.94 8.51
N GLU A 79 13.91 -3.57 7.52
CA GLU A 79 15.26 -3.16 7.14
C GLU A 79 15.26 -1.74 6.59
N ALA A 80 14.21 -1.36 5.87
CA ALA A 80 14.12 0.00 5.36
C ALA A 80 13.96 1.01 6.51
N MET A 81 13.10 0.69 7.48
CA MET A 81 12.95 1.56 8.64
C MET A 81 14.25 1.63 9.44
N LYS A 82 14.95 0.50 9.56
CA LYS A 82 16.23 0.49 10.26
C LYS A 82 17.20 1.47 9.61
N ARG A 83 17.39 1.38 8.30
CA ARG A 83 18.31 2.26 7.62
C ARG A 83 17.86 3.71 7.71
N ALA A 84 16.55 3.93 7.82
CA ALA A 84 16.02 5.27 8.04
C ALA A 84 16.08 5.69 9.50
N GLY A 85 16.51 4.80 10.39
CA GLY A 85 16.58 5.13 11.80
C GLY A 85 15.24 5.16 12.51
N LEU A 86 14.21 4.55 11.91
CA LEU A 86 12.86 4.60 12.45
C LEU A 86 12.39 3.25 12.97
N LEU A 87 13.26 2.23 12.98
CA LEU A 87 12.81 0.89 13.33
C LEU A 87 12.21 0.85 14.73
N GLN A 88 12.91 1.42 15.71
CA GLN A 88 12.40 1.41 17.08
C GLN A 88 11.12 2.23 17.19
N THR A 89 11.01 3.31 16.41
CA THR A 89 9.77 4.08 16.39
C THR A 89 8.63 3.22 15.86
N TYR A 90 8.89 2.42 14.84
CA TYR A 90 7.87 1.52 14.31
C TYR A 90 7.40 0.54 15.38
N TYR A 91 8.34 -0.12 16.07
CA TYR A 91 7.96 -1.03 17.14
C TYR A 91 7.22 -0.28 18.24
N ASP A 92 7.66 0.93 18.56
CA ASP A 92 7.02 1.69 19.64
C ASP A 92 5.56 1.97 19.32
N LEU A 93 5.24 2.24 18.05
CA LEU A 93 3.88 2.57 17.66
C LEU A 93 3.09 1.38 17.15
N ALA A 94 3.74 0.39 16.56
CA ALA A 94 3.01 -0.74 15.98
C ALA A 94 2.50 -1.65 17.09
N LEU A 95 1.46 -2.42 16.75
CA LEU A 95 0.77 -3.27 17.71
C LEU A 95 0.76 -4.71 17.21
N PRO A 96 1.38 -5.65 17.91
CA PRO A 96 1.30 -7.06 17.48
C PRO A 96 -0.11 -7.59 17.63
N MET A 97 -0.51 -8.43 16.67
CA MET A 97 -1.89 -8.89 16.60
C MET A 97 -1.93 -10.36 16.21
N GLY A 98 -2.79 -11.12 16.89
CA GLY A 98 -3.06 -12.48 16.50
C GLY A 98 -4.04 -12.56 15.37
N VAL A 99 -4.36 -13.81 14.99
CA VAL A 99 -5.28 -14.07 13.90
C VAL A 99 -6.20 -15.21 14.30
N ASN A 100 -7.49 -15.05 14.03
CA ASN A 100 -8.47 -16.11 14.19
C ASN A 100 -9.07 -16.46 12.85
N ILE A 101 -9.19 -17.74 12.56
CA ILE A 101 -9.84 -18.22 11.35
C ILE A 101 -11.23 -18.71 11.75
N ALA A 102 -12.26 -18.15 11.13
CA ALA A 102 -13.63 -18.46 11.46
C ALA A 102 -14.35 -19.03 10.24
N ASP A 103 -15.54 -19.56 10.50
CA ASP A 103 -16.42 -20.07 9.45
C ASP A 103 -17.62 -19.14 9.32
N GLU A 104 -18.51 -19.47 8.39
CA GLU A 104 -19.68 -18.64 8.16
C GLU A 104 -20.66 -18.68 9.33
N LYS A 105 -20.60 -19.71 10.16
CA LYS A 105 -21.51 -19.87 11.28
C LYS A 105 -21.03 -19.17 12.55
N GLY A 106 -19.87 -18.50 12.50
CA GLY A 106 -19.36 -17.79 13.63
C GLY A 106 -18.43 -18.57 14.53
N ASN A 107 -18.12 -19.82 14.18
CA ASN A 107 -17.19 -20.62 14.96
C ASN A 107 -15.75 -20.23 14.65
N ILE A 108 -14.91 -20.24 15.67
CA ILE A 108 -13.48 -19.99 15.50
C ILE A 108 -12.83 -21.32 15.17
N LEU A 109 -12.30 -21.44 13.95
CA LEU A 109 -11.69 -22.70 13.54
C LEU A 109 -10.30 -22.86 14.15
N THR A 110 -9.51 -21.79 14.19
CA THR A 110 -8.19 -21.84 14.78
C THR A 110 -7.88 -20.52 15.48
N THR A 111 -7.08 -20.60 16.54
CA THR A 111 -6.62 -19.44 17.28
C THR A 111 -5.11 -19.34 17.09
N LYS A 112 -4.67 -18.28 16.42
CA LYS A 112 -3.25 -18.03 16.17
C LYS A 112 -2.67 -16.98 17.11
N ASN A 113 -3.15 -16.95 18.35
CA ASN A 113 -2.74 -15.95 19.33
C ASN A 113 -1.23 -15.77 19.33
N VAL A 114 -0.79 -14.55 18.99
CA VAL A 114 0.62 -14.22 18.87
C VAL A 114 1.42 -14.81 20.01
N LYS A 115 2.46 -15.57 19.68
CA LYS A 115 3.42 -15.98 20.70
C LYS A 115 4.19 -14.76 21.19
N PRO A 116 4.56 -14.73 22.47
CA PRO A 116 5.45 -13.65 22.93
C PRO A 116 6.74 -13.58 22.15
N GLU A 117 7.32 -14.74 21.78
CA GLU A 117 8.59 -14.77 21.09
C GLU A 117 8.50 -14.30 19.64
N ASN A 118 7.33 -14.36 19.02
CA ASN A 118 7.12 -13.84 17.67
C ASN A 118 6.37 -12.52 17.67
N ARG A 119 6.21 -11.90 18.84
CA ARG A 119 5.40 -10.69 18.96
C ARG A 119 5.98 -9.54 18.14
N PHE A 120 7.30 -9.47 18.02
CA PHE A 120 7.93 -8.39 17.27
C PHE A 120 8.51 -8.91 15.96
N ASP A 121 7.69 -9.65 15.23
CA ASP A 121 8.03 -10.11 13.88
C ASP A 121 7.28 -9.34 12.81
N ASN A 122 5.98 -9.16 12.97
CA ASN A 122 5.15 -8.48 11.98
C ASN A 122 4.04 -7.71 12.66
N PRO A 123 4.38 -6.71 13.47
CA PRO A 123 3.35 -5.88 14.10
C PRO A 123 2.67 -4.99 13.06
N GLU A 124 1.60 -4.34 13.50
CA GLU A 124 0.70 -3.61 12.60
C GLU A 124 0.66 -2.14 13.00
N ILE A 125 1.06 -1.28 12.07
CA ILE A 125 1.09 0.16 12.27
C ILE A 125 0.02 0.79 11.39
N ASN A 126 -0.86 1.57 12.02
CA ASN A 126 -1.87 2.31 11.28
C ASN A 126 -1.22 3.18 10.21
N ARG A 127 -1.89 3.29 9.06
CA ARG A 127 -1.30 3.98 7.92
C ARG A 127 -0.96 5.43 8.26
N ASN A 128 -1.85 6.12 8.97
CA ASN A 128 -1.58 7.50 9.33
C ASN A 128 -0.40 7.61 10.29
N ASP A 129 -0.27 6.66 11.22
CA ASP A 129 0.89 6.65 12.11
C ASP A 129 2.18 6.55 11.31
N LEU A 130 2.21 5.67 10.31
CA LEU A 130 3.41 5.52 9.49
C LEU A 130 3.71 6.80 8.72
N ARG A 131 2.69 7.44 8.16
CA ARG A 131 2.90 8.71 7.50
C ARG A 131 3.49 9.74 8.46
N THR A 132 3.04 9.73 9.72
CA THR A 132 3.47 10.74 10.68
C THR A 132 4.94 10.55 11.04
N ILE A 133 5.36 9.31 11.32
CA ILE A 133 6.75 9.10 11.71
C ILE A 133 7.68 9.38 10.52
N LEU A 134 7.24 9.05 9.31
CA LEU A 134 8.06 9.35 8.14
C LEU A 134 8.19 10.85 7.93
N LEU A 135 7.07 11.57 8.00
CA LEU A 135 7.13 13.02 7.90
C LEU A 135 8.04 13.61 8.97
N ASN A 136 7.94 13.12 10.21
CA ASN A 136 8.73 13.68 11.29
C ASN A 136 10.23 13.47 11.06
N SER A 137 10.60 12.43 10.30
CA SER A 137 12.00 12.19 9.99
C SER A 137 12.52 13.10 8.89
N LEU A 138 11.64 13.82 8.20
CA LEU A 138 12.04 14.73 7.14
C LEU A 138 12.19 16.15 7.69
N GLN A 139 12.99 16.95 7.00
CA GLN A 139 13.11 18.35 7.33
C GLN A 139 11.82 19.09 6.98
N ASN A 140 11.57 20.18 7.69
CA ASN A 140 10.33 20.93 7.52
C ASN A 140 10.15 21.33 6.06
N ASP A 141 8.90 21.23 5.59
CA ASP A 141 8.49 21.63 4.25
C ASP A 141 9.13 20.77 3.16
N THR A 142 9.56 19.55 3.50
CA THR A 142 10.04 18.63 2.46
C THR A 142 8.89 18.16 1.58
N VAL A 143 7.68 18.07 2.13
CA VAL A 143 6.49 17.64 1.41
C VAL A 143 5.65 18.87 1.08
N ILE A 144 5.26 19.00 -0.18
CA ILE A 144 4.42 20.10 -0.63
C ILE A 144 3.01 19.55 -0.84
N TRP A 145 2.08 19.94 0.02
CA TRP A 145 0.73 19.42 -0.03
C TRP A 145 -0.10 20.16 -1.07
N ASP A 146 -1.24 19.57 -1.42
CA ASP A 146 -2.17 20.16 -2.39
C ASP A 146 -1.49 20.37 -3.75
N ARG A 147 -0.74 19.37 -4.19
CA ARG A 147 -0.02 19.43 -5.46
C ARG A 147 -0.28 18.14 -6.22
N LYS A 148 -1.25 18.18 -7.14
CA LYS A 148 -1.63 17.04 -7.97
C LYS A 148 -0.91 17.17 -9.32
N LEU A 149 0.08 16.30 -9.55
CA LEU A 149 0.79 16.30 -10.82
C LEU A 149 -0.14 15.87 -11.94
N VAL A 150 -0.18 16.65 -13.01
CA VAL A 150 -1.06 16.40 -14.14
C VAL A 150 -0.29 15.89 -15.35
N THR A 151 0.81 16.55 -15.70
CA THR A 151 1.65 16.14 -16.82
C THR A 151 3.11 16.32 -16.45
N LEU A 152 3.96 15.50 -17.07
CA LEU A 152 5.41 15.54 -16.86
C LEU A 152 6.06 15.54 -18.23
N GLU A 153 6.75 16.64 -18.56
CA GLU A 153 7.32 16.81 -19.89
C GLU A 153 8.80 17.17 -19.78
N PRO A 154 9.66 16.54 -20.60
CA PRO A 154 11.09 16.76 -20.47
C PRO A 154 11.58 17.99 -21.21
N ASP A 155 12.75 18.47 -20.78
CA ASP A 155 13.47 19.56 -21.41
C ASP A 155 14.83 19.02 -21.86
N LYS A 156 15.69 19.92 -22.35
CA LYS A 156 17.04 19.52 -22.70
C LYS A 156 17.87 19.14 -21.47
N GLU A 157 17.49 19.61 -20.28
CA GLU A 157 18.27 19.32 -19.08
C GLU A 157 17.45 19.09 -17.82
N LYS A 158 16.21 19.57 -17.73
CA LYS A 158 15.40 19.38 -16.54
C LYS A 158 13.98 18.99 -16.92
N TRP A 159 13.30 18.38 -15.96
CA TRP A 159 11.88 18.06 -16.12
C TRP A 159 11.03 19.29 -15.82
N THR A 160 9.83 19.31 -16.41
CA THR A 160 8.83 20.33 -16.13
C THR A 160 7.60 19.64 -15.55
N LEU A 161 7.28 19.96 -14.30
CA LEU A 161 6.21 19.30 -13.56
C LEU A 161 5.01 20.23 -13.48
N THR A 162 3.89 19.80 -14.06
CA THR A 162 2.66 20.59 -14.08
C THR A 162 1.69 20.08 -13.04
N PHE A 163 1.19 20.99 -12.20
CA PHE A 163 0.23 20.65 -11.16
C PHE A 163 -1.10 21.35 -11.44
N GLU A 164 -2.19 20.67 -11.09
CA GLU A 164 -3.52 21.17 -11.40
C GLU A 164 -3.79 22.46 -10.63
N ASP A 165 -3.97 23.57 -11.36
CA ASP A 165 -4.28 24.86 -10.77
C ASP A 165 -3.24 25.28 -9.74
N LYS A 166 -1.98 24.93 -9.98
CA LYS A 166 -0.89 25.29 -9.10
C LYS A 166 0.35 25.49 -9.94
N PRO A 167 1.30 26.31 -9.49
CA PRO A 167 2.48 26.60 -10.32
C PRO A 167 3.30 25.36 -10.59
N SER A 168 3.84 25.28 -11.80
CA SER A 168 4.66 24.14 -12.20
C SER A 168 6.06 24.26 -11.61
N GLU A 169 6.78 23.15 -11.59
CA GLU A 169 8.11 23.08 -11.00
C GLU A 169 9.01 22.26 -11.92
N THR A 170 10.30 22.26 -11.60
CA THR A 170 11.29 21.54 -12.38
C THR A 170 12.01 20.53 -11.49
N ALA A 171 12.88 19.74 -12.12
CA ALA A 171 13.67 18.74 -11.41
C ALA A 171 14.67 18.08 -12.35
N ASP A 172 15.77 17.57 -11.80
CA ASP A 172 16.74 16.82 -12.59
C ASP A 172 16.41 15.34 -12.64
N LEU A 173 15.85 14.79 -11.56
CA LEU A 173 15.48 13.38 -11.49
C LEU A 173 14.13 13.26 -10.81
N VAL A 174 13.20 12.57 -11.46
CA VAL A 174 11.86 12.35 -10.94
C VAL A 174 11.72 10.89 -10.54
N ILE A 175 11.13 10.65 -9.38
CA ILE A 175 10.87 9.31 -8.87
C ILE A 175 9.36 9.18 -8.70
N ILE A 176 8.74 8.34 -9.51
CA ILE A 176 7.29 8.19 -9.52
C ILE A 176 6.88 7.28 -8.38
N ALA A 177 6.03 7.79 -7.49
CA ALA A 177 5.54 7.02 -6.35
C ALA A 177 4.09 7.34 -6.04
N ASN A 178 3.31 7.70 -7.07
CA ASN A 178 1.94 8.17 -6.88
C ASN A 178 0.91 7.06 -6.98
N GLY A 179 1.28 5.82 -6.71
CA GLY A 179 0.32 4.75 -6.53
C GLY A 179 0.22 3.83 -7.75
N GLY A 180 -0.63 2.81 -7.58
CA GLY A 180 -0.78 1.80 -8.62
C GLY A 180 -1.61 2.24 -9.80
N MET A 181 -2.39 3.31 -9.66
CA MET A 181 -3.17 3.87 -10.76
C MET A 181 -2.52 5.10 -11.37
N SER A 182 -1.20 5.25 -11.19
CA SER A 182 -0.50 6.42 -11.72
C SER A 182 -0.72 6.55 -13.22
N LYS A 183 -0.79 7.80 -13.69
CA LYS A 183 -0.96 8.10 -15.10
C LYS A 183 0.27 8.74 -15.73
N VAL A 184 1.35 8.87 -14.98
CA VAL A 184 2.56 9.53 -15.48
C VAL A 184 3.69 8.51 -15.60
N ARG A 185 3.39 7.35 -16.18
CA ARG A 185 4.36 6.28 -16.34
C ARG A 185 4.91 6.17 -17.76
N LYS A 186 4.30 6.86 -18.72
CA LYS A 186 4.57 6.58 -20.13
C LYS A 186 6.05 6.69 -20.47
N PHE A 187 6.74 7.68 -19.89
CA PHE A 187 8.15 7.86 -20.23
C PHE A 187 9.02 6.71 -19.74
N VAL A 188 8.55 5.91 -18.79
CA VAL A 188 9.29 4.75 -18.30
C VAL A 188 8.80 3.47 -18.95
N THR A 189 7.49 3.28 -19.04
CA THR A 189 6.93 2.07 -19.60
C THR A 189 5.55 2.35 -20.17
N ASP A 190 5.19 1.59 -21.21
CA ASP A 190 3.85 1.62 -21.77
C ASP A 190 2.92 0.63 -21.08
N THR A 191 3.41 -0.09 -20.08
CA THR A 191 2.59 -1.10 -19.41
C THR A 191 1.32 -0.48 -18.85
N GLU A 192 0.22 -1.23 -18.95
CA GLU A 192 -1.08 -0.78 -18.50
C GLU A 192 -1.53 -1.60 -17.30
N VAL A 193 -2.26 -0.94 -16.39
CA VAL A 193 -2.89 -1.65 -15.29
C VAL A 193 -3.97 -2.58 -15.83
N GLU A 194 -4.14 -3.72 -15.17
CA GLU A 194 -5.14 -4.70 -15.55
C GLU A 194 -5.79 -5.27 -14.30
N GLU A 195 -7.07 -5.66 -14.44
CA GLU A 195 -7.83 -6.22 -13.34
C GLU A 195 -7.57 -7.72 -13.25
N THR A 196 -7.49 -8.24 -12.02
CA THR A 196 -7.14 -9.63 -11.79
C THR A 196 -8.35 -10.55 -11.63
N GLY A 197 -9.56 -10.00 -11.53
CA GLY A 197 -10.77 -10.79 -11.51
C GLY A 197 -11.48 -10.85 -10.17
N THR A 198 -10.95 -10.21 -9.13
CA THR A 198 -11.59 -10.17 -7.83
C THR A 198 -11.87 -8.72 -7.44
N PHE A 199 -12.79 -8.54 -6.50
CA PHE A 199 -13.23 -7.23 -6.06
C PHE A 199 -13.23 -7.18 -4.54
N ASN A 200 -12.88 -6.02 -4.00
CA ASN A 200 -12.77 -5.83 -2.55
C ASN A 200 -13.66 -4.67 -2.12
N ILE A 201 -14.40 -4.87 -1.03
CA ILE A 201 -15.22 -3.84 -0.42
C ILE A 201 -14.71 -3.64 0.99
N GLN A 202 -14.27 -2.43 1.30
CA GLN A 202 -13.66 -2.11 2.59
C GLN A 202 -14.52 -1.11 3.34
N ALA A 203 -14.27 -1.00 4.64
CA ALA A 203 -14.99 -0.03 5.47
C ALA A 203 -14.37 0.01 6.85
N ASP A 204 -14.68 1.09 7.57
CA ASP A 204 -14.30 1.29 8.95
C ASP A 204 -15.55 1.46 9.80
N ILE A 205 -15.54 0.86 10.99
CA ILE A 205 -16.59 1.05 11.98
C ILE A 205 -15.94 1.59 13.24
N HIS A 206 -16.35 2.78 13.66
CA HIS A 206 -15.84 3.39 14.88
C HIS A 206 -16.65 2.93 16.08
N GLN A 207 -15.95 2.75 17.21
CA GLN A 207 -16.60 2.23 18.40
C GLN A 207 -17.27 0.90 18.08
N PRO A 208 -16.52 -0.06 17.51
CA PRO A 208 -17.16 -1.33 17.11
C PRO A 208 -17.74 -2.10 18.28
N GLU A 209 -17.14 -1.99 19.46
CA GLU A 209 -17.69 -2.66 20.63
C GLU A 209 -19.14 -2.29 20.87
N VAL A 210 -19.56 -1.12 20.41
CA VAL A 210 -20.94 -0.66 20.58
C VAL A 210 -21.78 -1.01 19.37
N ASN A 211 -21.29 -0.73 18.16
CA ASN A 211 -22.11 -0.84 16.97
C ASN A 211 -22.25 -2.28 16.50
N CYS A 212 -21.18 -3.07 16.58
CA CYS A 212 -21.19 -4.47 16.17
C CYS A 212 -20.60 -5.32 17.30
N PRO A 213 -21.24 -5.34 18.47
CA PRO A 213 -20.67 -6.08 19.60
C PRO A 213 -20.51 -7.57 19.34
N GLY A 214 -21.50 -8.19 18.71
CA GLY A 214 -21.41 -9.61 18.43
C GLY A 214 -20.17 -9.96 17.62
N PHE A 215 -19.99 -9.30 16.48
CA PHE A 215 -18.82 -9.58 15.66
C PHE A 215 -17.54 -9.08 16.32
N PHE A 216 -17.62 -7.97 17.08
CA PHE A 216 -16.44 -7.46 17.76
C PHE A 216 -15.88 -8.49 18.73
N GLN A 217 -16.75 -9.05 19.58
CA GLN A 217 -16.30 -10.05 20.53
C GLN A 217 -15.78 -11.30 19.82
N LEU A 218 -16.32 -11.61 18.64
CA LEU A 218 -15.86 -12.78 17.91
C LEU A 218 -14.39 -12.64 17.53
N CYS A 219 -14.00 -11.43 17.09
CA CYS A 219 -12.59 -11.17 16.83
C CYS A 219 -11.77 -11.39 18.09
N ASN A 220 -12.30 -10.96 19.24
CA ASN A 220 -11.64 -11.11 20.54
C ASN A 220 -10.16 -10.76 20.46
N GLY A 221 -9.87 -9.59 19.89
CA GLY A 221 -8.52 -9.07 19.83
C GLY A 221 -7.74 -9.49 18.60
N ASN A 222 -8.05 -10.64 18.02
CA ASN A 222 -7.36 -11.13 16.83
C ASN A 222 -8.14 -10.76 15.57
N ARG A 223 -7.51 -10.97 14.43
CA ARG A 223 -8.05 -10.58 13.13
C ARG A 223 -8.76 -11.78 12.50
N LEU A 224 -10.04 -11.62 12.23
CA LEU A 224 -10.88 -12.72 11.77
C LEU A 224 -10.82 -12.82 10.25
N MET A 225 -10.43 -14.00 9.75
CA MET A 225 -10.44 -14.31 8.33
C MET A 225 -11.37 -15.49 8.11
N ALA A 226 -12.38 -15.31 7.25
CA ALA A 226 -13.38 -16.33 7.01
C ALA A 226 -13.67 -16.42 5.53
N ALA A 227 -13.93 -17.64 5.05
CA ALA A 227 -14.19 -17.88 3.64
C ALA A 227 -15.31 -18.90 3.49
N HIS A 228 -16.33 -18.56 2.71
CA HIS A 228 -17.44 -19.47 2.44
C HIS A 228 -18.09 -19.07 1.13
N GLN A 229 -18.11 -20.00 0.17
CA GLN A 229 -18.75 -19.78 -1.14
C GLN A 229 -18.03 -18.70 -1.94
N GLY A 230 -16.70 -18.74 -1.92
CA GLY A 230 -15.92 -17.76 -2.66
C GLY A 230 -15.99 -16.34 -2.13
N ASN A 231 -16.68 -16.12 -1.01
CA ASN A 231 -16.73 -14.82 -0.36
C ASN A 231 -15.83 -14.86 0.86
N LEU A 232 -14.75 -14.09 0.83
CA LEU A 232 -13.80 -14.03 1.93
C LEU A 232 -14.02 -12.76 2.75
N LEU A 233 -13.94 -12.89 4.07
CA LEU A 233 -14.05 -11.76 4.98
C LEU A 233 -12.75 -11.64 5.77
N PHE A 234 -12.35 -10.40 6.04
CA PHE A 234 -11.17 -10.11 6.82
C PHE A 234 -11.48 -8.92 7.73
N ALA A 235 -10.83 -8.87 8.88
CA ALA A 235 -11.17 -7.83 9.84
C ALA A 235 -10.01 -7.59 10.80
N ASN A 236 -9.78 -6.32 11.11
CA ASN A 236 -8.87 -5.89 12.18
C ASN A 236 -9.69 -5.16 13.23
N PRO A 237 -9.95 -5.76 14.39
CA PRO A 237 -10.84 -5.10 15.36
C PRO A 237 -10.29 -3.83 15.97
N ASN A 238 -8.97 -3.62 15.93
CA ASN A 238 -8.32 -2.48 16.60
C ASN A 238 -7.35 -1.82 15.63
N ASN A 239 -7.88 -0.94 14.79
CA ASN A 239 -7.09 -0.07 13.93
C ASN A 239 -7.23 1.35 14.48
N ASN A 240 -6.44 1.65 15.51
CA ASN A 240 -6.52 2.93 16.20
C ASN A 240 -7.94 3.20 16.70
N GLY A 241 -8.49 2.22 17.42
CA GLY A 241 -9.79 2.35 18.05
C GLY A 241 -10.97 1.99 17.17
N ALA A 242 -10.78 1.90 15.86
CA ALA A 242 -11.84 1.55 14.93
C ALA A 242 -11.58 0.16 14.36
N LEU A 243 -12.66 -0.50 13.95
CA LEU A 243 -12.57 -1.80 13.31
C LEU A 243 -12.60 -1.61 11.80
N HIS A 244 -11.57 -2.09 11.12
CA HIS A 244 -11.53 -2.10 9.67
C HIS A 244 -11.68 -3.53 9.18
N PHE A 245 -12.60 -3.73 8.25
CA PHE A 245 -12.85 -5.04 7.68
C PHE A 245 -13.00 -4.90 6.17
N GLY A 246 -12.91 -6.02 5.48
CA GLY A 246 -13.05 -6.03 4.03
C GLY A 246 -13.61 -7.34 3.54
N ILE A 247 -14.39 -7.27 2.48
CA ILE A 247 -15.03 -8.43 1.87
C ILE A 247 -14.57 -8.50 0.42
N SER A 248 -14.16 -9.70 -0.01
CA SER A 248 -13.65 -9.90 -1.36
C SER A 248 -14.29 -11.11 -1.99
N PHE A 249 -14.34 -11.11 -3.33
CA PHE A 249 -14.99 -12.15 -4.10
C PHE A 249 -14.58 -11.98 -5.56
N LYS A 250 -14.81 -13.03 -6.34
CA LYS A 250 -14.55 -12.96 -7.76
C LYS A 250 -15.57 -12.04 -8.43
N THR A 251 -15.09 -11.19 -9.33
CA THR A 251 -15.93 -10.19 -9.98
C THR A 251 -16.50 -10.76 -11.27
N SER A 252 -17.79 -10.56 -11.49
CA SER A 252 -18.46 -11.02 -12.70
C SER A 252 -18.26 -12.51 -12.91
N THR A 259 -23.51 -4.06 -13.37
CA THR A 259 -23.23 -3.77 -11.97
C THR A 259 -24.41 -3.08 -11.31
N LEU A 260 -24.97 -3.73 -10.28
CA LEU A 260 -26.16 -3.27 -9.60
C LEU A 260 -25.87 -2.44 -8.35
N VAL A 261 -24.61 -2.10 -8.11
CA VAL A 261 -24.19 -1.50 -6.83
C VAL A 261 -23.64 -0.11 -7.09
N ASP A 262 -24.17 0.86 -6.35
CA ASP A 262 -23.66 2.23 -6.33
C ASP A 262 -23.11 2.48 -4.93
N PHE A 263 -21.81 2.80 -4.86
CA PHE A 263 -21.15 2.93 -3.56
C PHE A 263 -21.42 4.27 -2.87
N GLN A 264 -22.03 5.23 -3.57
CA GLN A 264 -22.59 6.40 -2.89
C GLN A 264 -23.91 6.06 -2.21
N ASP A 265 -24.43 4.86 -2.42
CA ASP A 265 -25.70 4.41 -1.85
C ASP A 265 -25.40 3.18 -1.00
N ARG A 266 -25.17 3.39 0.30
CA ARG A 266 -24.90 2.27 1.18
C ARG A 266 -26.04 1.26 1.20
N ASN A 267 -27.25 1.68 0.84
CA ASN A 267 -28.37 0.75 0.82
C ASN A 267 -28.19 -0.29 -0.28
N SER A 268 -27.79 0.14 -1.47
CA SER A 268 -27.56 -0.80 -2.57
C SER A 268 -26.43 -1.76 -2.24
N VAL A 269 -25.44 -1.31 -1.45
CA VAL A 269 -24.33 -2.17 -1.09
C VAL A 269 -24.77 -3.22 -0.07
N VAL A 270 -25.56 -2.80 0.92
CA VAL A 270 -26.01 -3.74 1.94
C VAL A 270 -26.88 -4.83 1.31
N ASP A 271 -27.85 -4.44 0.50
CA ASP A 271 -28.68 -5.42 -0.19
C ASP A 271 -27.81 -6.41 -0.96
N PHE A 272 -26.75 -5.92 -1.60
CA PHE A 272 -25.87 -6.80 -2.35
C PHE A 272 -25.11 -7.74 -1.42
N LEU A 273 -24.52 -7.20 -0.35
CA LEU A 273 -23.70 -8.02 0.53
C LEU A 273 -24.55 -9.03 1.30
N LEU A 274 -25.76 -8.64 1.71
CA LEU A 274 -26.60 -9.55 2.47
C LEU A 274 -27.05 -10.73 1.63
N LYS A 275 -27.18 -10.55 0.31
CA LYS A 275 -27.50 -11.69 -0.55
C LYS A 275 -26.34 -12.66 -0.63
N LYS A 276 -25.11 -12.14 -0.79
CA LYS A 276 -23.94 -13.01 -0.80
C LYS A 276 -23.72 -13.65 0.55
N PHE A 277 -23.97 -12.92 1.64
CA PHE A 277 -23.74 -13.39 2.99
C PHE A 277 -25.00 -13.95 3.64
N SER A 278 -26.00 -14.33 2.85
CA SER A 278 -27.22 -14.90 3.42
C SER A 278 -26.91 -16.13 4.26
N ASP A 279 -25.94 -16.93 3.82
CA ASP A 279 -25.58 -18.15 4.54
C ASP A 279 -24.80 -17.89 5.83
N TRP A 280 -24.34 -16.66 6.05
CA TRP A 280 -23.45 -16.37 7.15
C TRP A 280 -24.23 -16.06 8.43
N ASP A 281 -23.54 -16.23 9.56
CA ASP A 281 -24.17 -16.02 10.86
C ASP A 281 -24.63 -14.58 11.01
N GLU A 282 -25.64 -14.39 11.87
CA GLU A 282 -26.23 -13.08 12.07
C GLU A 282 -25.19 -12.07 12.55
N ARG A 283 -24.19 -12.51 13.30
CA ARG A 283 -23.14 -11.59 13.75
C ARG A 283 -22.46 -10.91 12.57
N TYR A 284 -22.24 -11.66 11.48
CA TYR A 284 -21.72 -11.04 10.26
C TYR A 284 -22.75 -10.11 9.65
N LYS A 285 -24.00 -10.55 9.56
CA LYS A 285 -25.05 -9.68 9.04
C LYS A 285 -25.13 -8.39 9.85
N GLU A 286 -24.95 -8.48 11.17
CA GLU A 286 -24.93 -7.28 12.00
C GLU A 286 -23.79 -6.35 11.57
N LEU A 287 -22.64 -6.92 11.24
CA LEU A 287 -21.51 -6.09 10.81
C LEU A 287 -21.86 -5.29 9.56
N ILE A 288 -22.49 -5.92 8.58
CA ILE A 288 -22.82 -5.24 7.34
C ILE A 288 -23.86 -4.15 7.59
N ARG A 289 -24.87 -4.43 8.39
CA ARG A 289 -25.98 -3.49 8.57
C ARG A 289 -25.52 -2.19 9.20
N VAL A 290 -24.43 -2.22 9.99
CA VAL A 290 -24.01 -1.04 10.74
C VAL A 290 -22.97 -0.20 10.01
N THR A 291 -22.40 -0.69 8.91
CA THR A 291 -21.35 0.04 8.23
C THR A 291 -21.89 1.35 7.66
N SER A 292 -21.13 2.42 7.85
CA SER A 292 -21.55 3.73 7.37
C SER A 292 -21.25 3.89 5.89
N SER A 293 -19.97 3.81 5.53
CA SER A 293 -19.51 4.10 4.18
C SER A 293 -18.76 2.89 3.63
N PHE A 294 -19.14 2.45 2.44
CA PHE A 294 -18.49 1.34 1.75
C PHE A 294 -17.56 1.88 0.68
N VAL A 295 -16.43 1.20 0.49
CA VAL A 295 -15.43 1.57 -0.49
C VAL A 295 -15.15 0.35 -1.36
N GLY A 296 -15.51 0.41 -2.63
CA GLY A 296 -15.29 -0.67 -3.56
C GLY A 296 -14.04 -0.45 -4.38
N LEU A 297 -13.32 -1.54 -4.65
CA LEU A 297 -12.07 -1.47 -5.41
C LEU A 297 -11.85 -2.80 -6.10
N ALA A 298 -11.69 -2.78 -7.42
CA ALA A 298 -11.33 -3.98 -8.14
C ALA A 298 -9.86 -4.29 -7.93
N THR A 299 -9.55 -5.57 -7.71
CA THR A 299 -8.17 -6.00 -7.59
C THR A 299 -7.47 -5.85 -8.94
N ARG A 300 -6.30 -5.22 -8.94
CA ARG A 300 -5.58 -4.93 -10.16
C ARG A 300 -4.10 -5.23 -9.96
N ILE A 301 -3.38 -5.33 -11.08
CA ILE A 301 -1.96 -5.62 -11.08
C ILE A 301 -1.30 -4.79 -12.18
N PHE A 302 -0.12 -4.25 -11.88
CA PHE A 302 0.71 -3.61 -12.88
C PHE A 302 1.80 -4.60 -13.29
N PRO A 303 1.54 -5.46 -14.27
CA PRO A 303 2.46 -6.59 -14.50
C PRO A 303 3.86 -6.14 -14.83
N LEU A 304 4.84 -6.90 -14.31
CA LEU A 304 6.25 -6.69 -14.60
C LEU A 304 6.78 -7.69 -15.62
N GLY A 305 5.96 -8.04 -16.61
CA GLY A 305 6.37 -8.98 -17.63
C GLY A 305 7.41 -8.43 -18.57
N LYS A 306 7.04 -7.40 -19.34
CA LYS A 306 7.94 -6.82 -20.31
C LYS A 306 8.85 -5.80 -19.65
N SER A 307 10.11 -5.77 -20.07
CA SER A 307 11.07 -4.84 -19.50
C SER A 307 10.66 -3.40 -19.80
N TRP A 308 11.19 -2.47 -19.00
CA TRP A 308 10.84 -1.07 -19.14
C TRP A 308 11.68 -0.41 -20.24
N LYS A 309 11.27 0.80 -20.59
CA LYS A 309 11.87 1.47 -21.74
C LYS A 309 13.37 1.64 -21.55
N SER A 310 14.12 1.38 -22.64
CA SER A 310 15.58 1.35 -22.57
C SER A 310 16.16 2.75 -22.50
N LYS A 311 15.76 3.64 -23.40
CA LYS A 311 16.29 4.98 -23.49
C LYS A 311 15.22 5.99 -23.10
N ARG A 312 15.54 6.84 -22.13
CA ARG A 312 14.62 7.83 -21.60
C ARG A 312 15.26 9.20 -21.66
N PRO A 313 14.48 10.25 -21.90
CA PRO A 313 15.08 11.57 -22.12
C PRO A 313 15.91 12.07 -20.95
N LEU A 314 15.43 11.90 -19.72
CA LEU A 314 16.13 12.37 -18.54
C LEU A 314 15.97 11.34 -17.43
N PRO A 315 16.81 11.41 -16.40
CA PRO A 315 16.73 10.41 -15.32
C PRO A 315 15.33 10.33 -14.72
N ILE A 316 14.77 9.13 -14.70
CA ILE A 316 13.46 8.89 -14.13
C ILE A 316 13.33 7.41 -13.82
N THR A 317 12.54 7.09 -12.79
CA THR A 317 12.26 5.71 -12.42
C THR A 317 10.98 5.70 -11.60
N MET A 318 10.57 4.51 -11.17
CA MET A 318 9.35 4.34 -10.41
C MET A 318 9.60 3.41 -9.23
N ILE A 319 8.83 3.62 -8.16
CA ILE A 319 8.92 2.80 -6.96
C ILE A 319 7.53 2.61 -6.38
N GLY A 320 7.39 1.56 -5.57
CA GLY A 320 6.14 1.31 -4.88
C GLY A 320 5.10 0.70 -5.80
N ASP A 321 3.84 0.89 -5.42
CA ASP A 321 2.74 0.34 -6.20
C ASP A 321 2.76 0.85 -7.62
N ALA A 322 3.23 2.09 -7.83
CA ALA A 322 3.35 2.60 -9.19
C ALA A 322 4.26 1.71 -10.03
N ALA A 323 5.20 1.00 -9.41
CA ALA A 323 6.10 0.13 -10.12
C ALA A 323 5.59 -1.29 -10.24
N HIS A 324 4.80 -1.76 -9.27
CA HIS A 324 4.42 -3.17 -9.22
C HIS A 324 3.17 -3.39 -8.38
N LEU A 325 2.09 -2.70 -8.69
CA LEU A 325 0.81 -3.00 -8.07
C LEU A 325 0.52 -4.50 -8.21
N MET A 326 0.00 -5.08 -7.14
CA MET A 326 -0.31 -6.51 -7.13
C MET A 326 -1.43 -6.75 -6.12
N PRO A 327 -2.13 -7.88 -6.24
CA PRO A 327 -3.14 -8.19 -5.25
C PRO A 327 -2.55 -8.19 -3.86
N PRO A 328 -3.32 -7.79 -2.85
CA PRO A 328 -2.80 -7.72 -1.48
C PRO A 328 -3.01 -8.98 -0.66
N PHE A 329 -3.54 -10.05 -1.26
CA PHE A 329 -3.87 -11.25 -0.53
C PHE A 329 -2.64 -12.00 -0.04
N ALA A 330 -1.44 -11.55 -0.39
CA ALA A 330 -0.21 -12.12 0.14
C ALA A 330 0.48 -11.18 1.13
N GLY A 331 -0.09 -10.00 1.39
CA GLY A 331 0.53 -9.03 2.27
C GLY A 331 1.95 -8.68 1.87
N GLN A 332 2.16 -8.38 0.61
CA GLN A 332 3.49 -8.11 0.08
C GLN A 332 3.61 -6.74 -0.57
N GLY A 333 2.53 -5.96 -0.64
CA GLY A 333 2.56 -4.69 -1.34
C GLY A 333 3.55 -3.69 -0.76
N VAL A 334 3.28 -3.19 0.45
CA VAL A 334 4.13 -2.15 1.04
C VAL A 334 5.54 -2.69 1.29
N ASN A 335 5.64 -3.95 1.72
CA ASN A 335 6.96 -4.51 2.01
C ASN A 335 7.84 -4.46 0.77
N SER A 336 7.28 -4.74 -0.40
CA SER A 336 8.04 -4.67 -1.64
C SER A 336 8.36 -3.23 -2.00
N GLY A 337 7.37 -2.34 -1.90
CA GLY A 337 7.61 -0.94 -2.22
C GLY A 337 8.75 -0.34 -1.42
N LEU A 338 8.81 -0.67 -0.13
CA LEU A 338 9.91 -0.18 0.71
C LEU A 338 11.24 -0.75 0.26
N MET A 339 11.26 -1.97 -0.26
CA MET A 339 12.51 -2.52 -0.79
C MET A 339 13.02 -1.66 -1.93
N ASP A 340 12.12 -1.19 -2.79
CA ASP A 340 12.52 -0.31 -3.88
C ASP A 340 13.19 0.95 -3.34
N ALA A 341 12.54 1.63 -2.39
CA ALA A 341 13.11 2.85 -1.83
C ALA A 341 14.47 2.57 -1.21
N LEU A 342 14.64 1.41 -0.58
CA LEU A 342 15.91 1.08 0.05
C LEU A 342 16.99 0.88 -1.01
N ILE A 343 16.71 0.09 -2.04
CA ILE A 343 17.70 -0.22 -3.05
C ILE A 343 18.07 1.03 -3.84
N LEU A 344 17.06 1.75 -4.35
CA LEU A 344 17.33 2.92 -5.17
C LEU A 344 18.16 3.95 -4.40
N SER A 345 17.74 4.29 -3.19
CA SER A 345 18.48 5.28 -2.42
C SER A 345 19.89 4.81 -2.12
N ASP A 346 20.05 3.52 -1.80
CA ASP A 346 21.38 2.98 -1.57
C ASP A 346 22.25 3.14 -2.81
N ASN A 347 21.73 2.74 -3.97
CA ASN A 347 22.50 2.84 -5.21
C ASN A 347 22.91 4.27 -5.50
N LEU A 348 22.05 5.23 -5.19
CA LEU A 348 22.30 6.62 -5.55
C LEU A 348 23.31 7.30 -4.64
N THR A 349 23.64 6.72 -3.48
CA THR A 349 24.48 7.39 -2.50
C THR A 349 25.70 6.58 -2.06
N ASN A 350 25.83 5.33 -2.50
CA ASN A 350 26.98 4.52 -2.13
C ASN A 350 28.17 4.72 -3.06
N GLY A 351 28.04 5.55 -4.08
CA GLY A 351 29.15 5.85 -4.96
C GLY A 351 29.65 4.67 -5.76
N LYS A 352 28.80 3.69 -6.04
CA LYS A 352 29.19 2.49 -6.77
C LYS A 352 28.77 2.52 -8.24
N PHE A 353 28.24 3.64 -8.71
CA PHE A 353 27.73 3.74 -10.08
C PHE A 353 28.26 5.01 -10.74
N ASN A 354 28.62 4.87 -12.01
CA ASN A 354 29.26 5.98 -12.74
C ASN A 354 28.27 7.08 -13.09
N SER A 355 26.98 6.78 -13.19
CA SER A 355 26.00 7.77 -13.59
C SER A 355 24.68 7.49 -12.88
N ILE A 356 23.85 8.53 -12.79
CA ILE A 356 22.52 8.38 -12.22
C ILE A 356 21.72 7.35 -12.99
N GLU A 357 21.85 7.35 -14.32
CA GLU A 357 21.11 6.40 -15.14
C GLU A 357 21.52 4.97 -14.80
N GLU A 358 22.83 4.72 -14.69
CA GLU A 358 23.29 3.38 -14.36
C GLU A 358 22.78 2.94 -12.99
N ALA A 359 22.79 3.85 -12.01
CA ALA A 359 22.26 3.51 -10.69
C ALA A 359 20.78 3.17 -10.77
N ILE A 360 20.03 3.88 -11.61
CA ILE A 360 18.62 3.57 -11.79
C ILE A 360 18.46 2.21 -12.48
N GLU A 361 19.30 1.94 -13.49
CA GLU A 361 19.21 0.67 -14.19
C GLU A 361 19.44 -0.50 -13.25
N ASN A 362 20.47 -0.40 -12.39
CA ASN A 362 20.75 -1.49 -11.46
C ASN A 362 19.57 -1.74 -10.54
N TYR A 363 18.98 -0.66 -9.99
CA TYR A 363 17.80 -0.83 -9.14
C TYR A 363 16.69 -1.57 -9.88
N GLU A 364 16.39 -1.15 -11.11
CA GLU A 364 15.31 -1.77 -11.86
C GLU A 364 15.62 -3.23 -12.16
N GLN A 365 16.90 -3.54 -12.43
CA GLN A 365 17.29 -4.93 -12.61
C GLN A 365 16.96 -5.75 -11.35
N GLN A 366 17.38 -5.26 -10.19
CA GLN A 366 17.09 -5.97 -8.95
C GLN A 366 15.60 -6.01 -8.67
N MET A 367 14.91 -4.89 -8.91
CA MET A 367 13.49 -4.82 -8.56
C MET A 367 12.66 -5.80 -9.40
N PHE A 368 13.00 -5.95 -10.68
CA PHE A 368 12.25 -6.85 -11.53
C PHE A 368 12.28 -8.27 -10.99
N ALA A 369 13.39 -8.69 -10.39
CA ALA A 369 13.54 -10.07 -9.95
C ALA A 369 12.61 -10.36 -8.77
N TYR A 370 12.83 -9.70 -7.63
CA TYR A 370 12.04 -10.01 -6.44
C TYR A 370 10.62 -9.46 -6.56
N GLY A 371 10.43 -8.40 -7.34
CA GLY A 371 9.08 -7.88 -7.53
C GLY A 371 8.19 -8.84 -8.31
N ARG A 372 8.73 -9.39 -9.40
CA ARG A 372 7.99 -10.42 -10.14
C ARG A 372 7.64 -11.59 -9.25
N GLU A 373 8.56 -12.01 -8.37
CA GLU A 373 8.28 -13.10 -7.45
C GLU A 373 7.13 -12.74 -6.52
N ALA A 374 7.17 -11.53 -5.94
CA ALA A 374 6.09 -11.10 -5.06
C ALA A 374 4.75 -11.13 -5.78
N GLN A 375 4.71 -10.66 -7.03
CA GLN A 375 3.46 -10.70 -7.79
C GLN A 375 2.97 -12.13 -7.94
N ALA A 376 3.88 -13.06 -8.23
CA ALA A 376 3.49 -14.46 -8.38
C ALA A 376 2.80 -14.99 -7.14
N GLU A 377 3.39 -14.74 -5.97
CA GLU A 377 2.80 -15.21 -4.73
C GLU A 377 1.41 -14.62 -4.51
N SER A 378 1.26 -13.31 -4.73
CA SER A 378 -0.02 -12.66 -4.48
C SER A 378 -1.09 -13.15 -5.43
N ILE A 379 -0.74 -13.37 -6.70
CA ILE A 379 -1.72 -13.90 -7.65
C ILE A 379 -2.03 -15.36 -7.32
N ILE A 380 -0.99 -16.16 -7.07
CA ILE A 380 -1.20 -17.57 -6.75
C ILE A 380 -2.09 -17.69 -5.51
N ASN A 381 -1.78 -16.91 -4.46
CA ASN A 381 -2.61 -16.92 -3.27
C ASN A 381 -4.02 -16.42 -3.56
N GLU A 382 -4.15 -15.44 -4.45
CA GLU A 382 -5.46 -14.96 -4.86
C GLU A 382 -6.27 -16.09 -5.47
N THR A 383 -5.73 -16.73 -6.51
CA THR A 383 -6.41 -17.86 -7.14
C THR A 383 -6.70 -18.96 -6.13
N GLU A 384 -5.76 -19.21 -5.21
CA GLU A 384 -5.92 -20.27 -4.24
C GLU A 384 -7.01 -19.95 -3.23
N MET A 385 -7.11 -18.68 -2.81
CA MET A 385 -8.05 -18.33 -1.76
C MET A 385 -9.48 -18.35 -2.26
N PHE A 386 -9.72 -17.79 -3.45
CA PHE A 386 -11.07 -17.71 -4.01
C PHE A 386 -11.45 -18.96 -4.80
N SER A 387 -10.67 -20.02 -4.71
CA SER A 387 -11.07 -21.29 -5.29
C SER A 387 -12.18 -21.91 -4.45
N SER A 388 -12.95 -22.81 -5.07
CA SER A 388 -14.10 -23.39 -4.39
C SER A 388 -13.71 -24.31 -3.24
N ASP A 389 -12.51 -24.86 -3.26
CA ASP A 389 -12.07 -25.84 -2.27
C ASP A 389 -11.27 -25.22 -1.13
N PHE A 390 -11.05 -23.91 -1.15
CA PHE A 390 -10.13 -23.30 -0.19
C PHE A 390 -10.67 -23.41 1.23
N SER A 391 -9.76 -23.66 2.18
CA SER A 391 -10.14 -23.81 3.58
C SER A 391 -8.99 -23.39 4.49
N PHE A 392 -8.24 -22.38 4.09
CA PHE A 392 -7.12 -21.87 4.88
C PHE A 392 -6.24 -23.00 5.42
#